data_5QPQ
#
_entry.id   5QPQ
#
_cell.length_a   57.912
_cell.length_b   57.912
_cell.length_c   396.130
_cell.angle_alpha   90.000
_cell.angle_beta   90.000
_cell.angle_gamma   120.000
#
_symmetry.space_group_name_H-M   'P 61 2 2'
#
loop_
_entity.id
_entity.type
_entity.pdbx_description
1 polymer 'Farnesyl diphosphate synthase'
2 non-polymer 'SULFATE ION'
3 non-polymer 'ACETATE ION'
4 non-polymer 'ZINC ION'
5 non-polymer ~{N}-[2-(aminocarbamoyl)phenyl]ethanamide
6 water water
#
_entity_poly.entity_id   1
_entity_poly.type   'polypeptide(L)'
_entity_poly.pdbx_seq_one_letter_code
;GPMASMERFLSVYDEVQAFLLDQLQSKYEIDPNRARYLRIMMDTTCLGGKYFRGMTVVNVAEGFLAVTQHDEATKERILH
DACVGGWMIEFLQAHYLVEDDIMDGSVMRRGKPCWYRFPGVTTQCAINDGIILKSWTQIMAWHYFADRPFLKDLLCLFQK
VDYATAVGQMYDVTSMCDSNKLDPEVAQPMTTDFAEFTPAIYKRIVKYKTTFYTYLLPLVMGLLVSEAAASVEMNLVERV
AHLIGEYFQVQDDVMDCFTPPEQLGKVGTDIEDAKCSWLAVTFLGKANAAQVAEFKANYGEKDPAKVAVVKRLYSKANLQ
ADFAAYEAEVVREVESLIEQLKVKSPTFAESVAVVWEKTHKRKK
;
_entity_poly.pdbx_strand_id   A
#
loop_
_chem_comp.id
_chem_comp.type
_chem_comp.name
_chem_comp.formula
ACT non-polymer 'ACETATE ION' 'C2 H3 O2 -1'
LV7 non-polymer ~{N}-[2-(aminocarbamoyl)phenyl]ethanamide 'C9 H11 N3 O2'
SO4 non-polymer 'SULFATE ION' 'O4 S -2'
ZN non-polymer 'ZINC ION' 'Zn 2'
#
# COMPACT_ATOMS: atom_id res chain seq x y z
N MET A 3 27.26 7.55 3.52
CA MET A 3 26.20 6.77 4.29
C MET A 3 25.30 5.91 3.35
N ALA A 4 25.18 4.58 3.58
CA ALA A 4 24.19 3.81 2.83
C ALA A 4 22.79 4.34 3.24
N SER A 5 21.99 4.19 2.20
CA SER A 5 20.67 4.73 2.24
C SER A 5 19.81 4.15 3.35
N MET A 6 19.82 2.85 3.44
CA MET A 6 19.04 2.26 4.50
C MET A 6 19.51 2.66 5.89
N GLU A 7 20.81 2.75 6.12
CA GLU A 7 21.33 3.20 7.44
C GLU A 7 20.81 4.59 7.80
N ARG A 8 20.80 5.46 6.79
CA ARG A 8 20.28 6.78 6.99
C ARG A 8 18.78 6.74 7.36
N PHE A 9 18.04 5.98 6.59
CA PHE A 9 16.61 5.86 6.79
C PHE A 9 16.27 5.33 8.16
N LEU A 10 16.96 4.29 8.58
CA LEU A 10 16.76 3.79 9.96
C LEU A 10 17.16 4.71 11.07
N SER A 11 18.26 5.49 10.84
CA SER A 11 18.63 6.50 11.76
C SER A 11 17.62 7.56 11.96
N VAL A 12 16.97 7.95 10.83
CA VAL A 12 16.01 9.00 10.90
C VAL A 12 14.75 8.51 11.65
N TYR A 13 14.49 7.17 11.53
CA TYR A 13 13.36 6.58 12.35
C TYR A 13 13.64 6.91 13.80
N ASP A 14 14.84 6.66 14.28
CA ASP A 14 15.11 6.86 15.72
C ASP A 14 14.95 8.35 16.10
N GLU A 15 15.35 9.25 15.19
CA GLU A 15 15.29 10.66 15.36
C GLU A 15 13.83 11.05 15.50
N VAL A 16 13.06 10.63 14.49
CA VAL A 16 11.66 11.01 14.47
C VAL A 16 10.85 10.47 15.64
N GLN A 17 11.19 9.27 16.02
CA GLN A 17 10.56 8.68 17.23
C GLN A 17 10.81 9.47 18.47
N ALA A 18 12.11 9.80 18.66
CA ALA A 18 12.49 10.63 19.80
C ALA A 18 11.83 11.96 19.80
N PHE A 19 11.70 12.61 18.59
CA PHE A 19 11.07 13.84 18.49
C PHE A 19 9.57 13.78 18.95
N LEU A 20 8.88 12.78 18.40
CA LEU A 20 7.43 12.67 18.65
C LEU A 20 7.21 12.39 20.15
N LEU A 21 8.01 11.49 20.72
CA LEU A 21 7.79 11.11 22.15
C LEU A 21 8.23 12.26 23.04
N ASP A 22 9.34 12.92 22.74
CA ASP A 22 9.68 14.14 23.50
C ASP A 22 8.67 15.23 23.49
N GLN A 23 8.04 15.41 22.31
CA GLN A 23 7.03 16.41 22.12
C GLN A 23 5.84 16.03 23.00
N LEU A 24 5.49 14.74 23.02
CA LEU A 24 4.32 14.31 23.86
C LEU A 24 4.58 14.67 25.33
N GLN A 25 5.81 14.55 25.75
CA GLN A 25 6.21 14.98 27.18
C GLN A 25 6.25 16.45 27.38
N SER A 26 6.74 17.23 26.46
CA SER A 26 6.88 18.66 26.76
C SER A 26 5.65 19.45 26.49
N LYS A 27 4.76 18.96 25.65
CA LYS A 27 3.68 19.72 25.18
C LYS A 27 2.31 19.09 25.51
N TYR A 28 2.30 17.77 25.68
CA TYR A 28 0.97 17.05 25.76
C TYR A 28 0.79 16.37 27.10
N GLU A 29 1.64 16.73 28.07
CA GLU A 29 1.57 16.25 29.40
C GLU A 29 1.66 14.75 29.60
N ILE A 30 2.28 14.01 28.64
CA ILE A 30 2.28 12.58 28.77
C ILE A 30 3.14 12.14 29.85
N ASP A 31 2.84 11.00 30.41
CA ASP A 31 3.60 10.30 31.41
C ASP A 31 4.46 9.24 30.80
N PRO A 32 5.54 8.85 31.49
CA PRO A 32 6.48 7.92 30.94
C PRO A 32 5.92 6.57 30.52
N ASN A 33 4.91 6.11 31.20
CA ASN A 33 4.39 4.85 30.90
C ASN A 33 3.51 4.85 29.54
N ARG A 34 2.75 5.89 29.41
CA ARG A 34 1.94 5.99 28.16
C ARG A 34 2.92 6.30 27.02
N ALA A 35 3.99 7.09 27.28
CA ALA A 35 5.06 7.17 26.19
C ALA A 35 5.63 5.89 25.80
N ARG A 36 5.94 5.02 26.76
CA ARG A 36 6.41 3.77 26.46
C ARG A 36 5.40 2.86 25.60
N TYR A 37 4.12 2.88 25.99
CA TYR A 37 3.12 2.20 25.19
C TYR A 37 3.17 2.71 23.73
N LEU A 38 3.25 4.02 23.60
CA LEU A 38 3.23 4.59 22.19
C LEU A 38 4.51 4.25 21.43
N ARG A 39 5.65 4.20 22.12
CA ARG A 39 6.89 3.80 21.52
C ARG A 39 6.81 2.40 21.00
N ILE A 40 6.32 1.45 21.87
CA ILE A 40 6.13 0.10 21.47
C ILE A 40 5.10 -0.04 20.28
N MET A 41 4.05 0.71 20.36
CA MET A 41 3.06 0.72 19.28
C MET A 41 3.69 1.16 17.97
N MET A 42 4.40 2.26 18.04
CA MET A 42 5.12 2.72 16.83
C MET A 42 6.00 1.68 16.26
N ASP A 43 6.91 1.12 17.11
CA ASP A 43 7.79 0.07 16.61
C ASP A 43 7.11 -1.13 15.99
N THR A 44 6.06 -1.58 16.72
CA THR A 44 5.34 -2.76 16.32
C THR A 44 4.60 -2.64 15.03
N THR A 45 4.08 -1.43 14.82
CA THR A 45 3.31 -1.18 13.61
C THR A 45 4.05 -0.61 12.42
N CYS A 46 5.17 0.08 12.66
CA CYS A 46 5.94 0.74 11.60
C CYS A 46 7.14 -0.03 11.12
N LEU A 47 7.70 -0.91 11.99
CA LEU A 47 8.96 -1.54 11.72
C LEU A 47 8.71 -2.98 11.37
N GLY A 48 9.62 -3.50 10.59
CA GLY A 48 9.67 -4.99 10.35
C GLY A 48 9.44 -5.34 8.91
N GLY A 49 8.92 -4.42 8.09
CA GLY A 49 8.85 -4.56 6.68
C GLY A 49 10.17 -4.32 5.97
N LYS A 50 10.05 -4.25 4.65
CA LYS A 50 11.12 -3.98 3.72
C LYS A 50 11.33 -2.48 3.45
N TYR A 51 10.38 -1.69 3.91
CA TYR A 51 10.47 -0.18 3.75
C TYR A 51 10.45 0.18 2.28
N PHE A 52 9.86 -0.56 1.42
CA PHE A 52 9.87 -0.25 0.02
C PHE A 52 9.37 1.16 -0.28
N ARG A 53 8.27 1.52 0.31
CA ARG A 53 7.61 2.78 0.08
C ARG A 53 8.48 3.94 0.54
N GLY A 54 8.93 3.88 1.75
CA GLY A 54 9.76 4.96 2.28
C GLY A 54 11.08 4.98 1.56
N MET A 55 11.73 3.88 1.30
CA MET A 55 13.02 3.89 0.64
C MET A 55 12.90 4.39 -0.81
N THR A 56 11.75 4.25 -1.46
CA THR A 56 11.59 4.78 -2.83
C THR A 56 11.80 6.31 -2.81
N VAL A 57 11.27 6.99 -1.80
CA VAL A 57 11.45 8.45 -1.70
C VAL A 57 12.96 8.80 -1.66
N VAL A 58 13.66 8.04 -0.87
CA VAL A 58 15.13 8.23 -0.72
C VAL A 58 15.81 7.92 -2.05
N ASN A 59 15.44 6.80 -2.70
CA ASN A 59 16.12 6.42 -3.96
C ASN A 59 15.87 7.45 -5.02
N VAL A 60 14.66 7.98 -5.10
CA VAL A 60 14.35 8.97 -6.12
C VAL A 60 15.22 10.20 -5.82
N ALA A 61 15.31 10.60 -4.57
CA ALA A 61 16.10 11.85 -4.22
C ALA A 61 17.58 11.58 -4.49
N GLU A 62 18.08 10.36 -4.24
CA GLU A 62 19.51 10.07 -4.57
C GLU A 62 19.76 10.15 -6.03
N GLY A 63 18.83 9.73 -6.86
CA GLY A 63 18.95 9.83 -8.34
C GLY A 63 19.18 11.27 -8.73
N PHE A 64 18.44 12.21 -8.20
CA PHE A 64 18.57 13.60 -8.57
C PHE A 64 19.84 14.15 -8.02
N LEU A 65 20.24 13.77 -6.85
CA LEU A 65 21.46 14.31 -6.27
C LEU A 65 22.62 14.06 -7.20
N ALA A 66 22.64 12.93 -7.88
CA ALA A 66 23.78 12.59 -8.69
C ALA A 66 23.89 13.45 -9.90
N VAL A 67 22.87 14.21 -10.29
CA VAL A 67 22.88 14.98 -11.54
C VAL A 67 22.60 16.45 -11.31
N THR A 68 22.62 16.90 -10.04
CA THR A 68 22.25 18.25 -9.69
C THR A 68 23.34 18.82 -8.81
N GLN A 69 23.70 20.08 -9.03
CA GLN A 69 24.75 20.71 -8.18
C GLN A 69 24.17 21.26 -6.90
N HIS A 70 24.83 20.94 -5.80
CA HIS A 70 24.43 21.35 -4.47
C HIS A 70 25.66 21.40 -3.55
N ASP A 71 25.59 22.23 -2.58
CA ASP A 71 26.48 22.23 -1.45
C ASP A 71 26.27 20.93 -0.70
N GLU A 72 27.30 20.44 -0.01
CA GLU A 72 27.15 19.18 0.77
C GLU A 72 26.06 19.28 1.81
N ALA A 73 25.89 20.43 2.50
CA ALA A 73 24.86 20.60 3.51
C ALA A 73 23.46 20.46 2.83
N THR A 74 23.37 20.91 1.61
CA THR A 74 22.08 20.83 0.88
C THR A 74 21.83 19.35 0.50
N LYS A 75 22.80 18.59 0.05
CA LYS A 75 22.64 17.15 -0.18
C LYS A 75 22.15 16.53 1.15
N GLU A 76 22.74 16.83 2.27
CA GLU A 76 22.33 16.22 3.55
C GLU A 76 20.93 16.61 3.88
N ARG A 77 20.50 17.86 3.68
CA ARG A 77 19.15 18.30 3.98
C ARG A 77 18.14 17.54 3.08
N ILE A 78 18.43 17.42 1.79
CA ILE A 78 17.56 16.72 0.82
C ILE A 78 17.43 15.27 1.30
N LEU A 79 18.51 14.63 1.64
CA LEU A 79 18.48 13.16 2.06
C LEU A 79 17.70 13.12 3.35
N HIS A 80 17.86 14.05 4.27
CA HIS A 80 17.13 13.98 5.53
C HIS A 80 15.64 14.20 5.28
N ASP A 81 15.28 15.12 4.36
CA ASP A 81 13.91 15.35 4.06
C ASP A 81 13.30 14.08 3.34
N ALA A 82 14.06 13.44 2.49
CA ALA A 82 13.58 12.22 1.79
C ALA A 82 13.28 11.11 2.83
N CYS A 83 14.09 11.04 3.82
CA CYS A 83 13.93 10.02 4.89
C CYS A 83 12.68 10.37 5.70
N VAL A 84 12.52 11.59 6.15
CA VAL A 84 11.30 12.02 6.83
C VAL A 84 10.07 11.69 6.00
N GLY A 85 10.09 12.11 4.74
CA GLY A 85 8.93 11.90 3.91
C GLY A 85 8.68 10.40 3.72
N GLY A 86 9.71 9.60 3.57
CA GLY A 86 9.56 8.14 3.43
C GLY A 86 8.86 7.63 4.71
N TRP A 87 9.29 8.09 5.90
CA TRP A 87 8.61 7.68 7.15
C TRP A 87 7.23 8.13 7.21
N MET A 88 6.86 9.30 6.68
CA MET A 88 5.44 9.68 6.64
C MET A 88 4.67 8.59 5.93
N ILE A 89 5.17 8.11 4.81
CA ILE A 89 4.46 7.11 4.00
C ILE A 89 4.38 5.78 4.78
N GLU A 90 5.46 5.41 5.40
CA GLU A 90 5.48 4.17 6.21
C GLU A 90 4.47 4.28 7.34
N PHE A 91 4.37 5.44 8.01
CA PHE A 91 3.40 5.57 9.11
C PHE A 91 2.00 5.59 8.55
N LEU A 92 1.78 6.21 7.36
CA LEU A 92 0.47 6.19 6.75
C LEU A 92 0.03 4.71 6.46
N GLN A 93 0.97 3.96 5.97
CA GLN A 93 0.69 2.54 5.67
C GLN A 93 0.39 1.90 7.04
N ALA A 94 1.17 2.16 8.05
CA ALA A 94 0.86 1.59 9.40
C ALA A 94 -0.54 1.87 9.90
N HIS A 95 -1.03 3.10 9.72
CA HIS A 95 -2.39 3.48 10.03
C HIS A 95 -3.33 2.57 9.29
N TYR A 96 -3.21 2.48 7.99
N TYR A 96 -3.09 2.41 7.97
CA TYR A 96 -4.16 1.65 7.25
CA TYR A 96 -3.95 1.54 7.07
C TYR A 96 -4.08 0.17 7.62
C TYR A 96 -4.04 0.13 7.49
N LEU A 97 -2.89 -0.40 7.87
CA LEU A 97 -2.79 -1.80 8.29
C LEU A 97 -3.43 -2.00 9.60
N VAL A 98 -3.21 -1.14 10.59
CA VAL A 98 -3.85 -1.35 11.87
C VAL A 98 -5.38 -1.31 11.69
N GLU A 99 -5.95 -0.31 11.02
CA GLU A 99 -7.38 -0.16 10.90
C GLU A 99 -7.97 -1.27 10.04
N ASP A 100 -7.32 -1.59 8.93
CA ASP A 100 -7.79 -2.67 8.03
C ASP A 100 -7.87 -3.95 8.81
N ASP A 101 -6.82 -4.27 9.55
CA ASP A 101 -6.75 -5.54 10.33
C ASP A 101 -7.94 -5.61 11.24
N ILE A 102 -8.30 -4.53 11.88
CA ILE A 102 -9.47 -4.49 12.77
C ILE A 102 -10.72 -4.65 11.96
N MET A 103 -10.89 -3.82 10.93
CA MET A 103 -12.05 -3.94 10.07
C MET A 103 -12.31 -5.35 9.50
N ASP A 104 -11.25 -6.04 9.10
CA ASP A 104 -11.36 -7.33 8.37
C ASP A 104 -11.27 -8.41 9.30
N GLY A 105 -11.15 -8.24 10.61
CA GLY A 105 -10.99 -9.29 11.61
C GLY A 105 -9.79 -10.17 11.37
N SER A 106 -8.73 -9.57 10.90
CA SER A 106 -7.52 -10.30 10.61
C SER A 106 -6.86 -10.84 11.84
N VAL A 107 -6.04 -11.89 11.68
CA VAL A 107 -5.41 -12.55 12.76
C VAL A 107 -3.93 -12.24 12.94
N MET A 108 -3.24 -12.42 11.84
CA MET A 108 -1.83 -12.24 11.73
C MET A 108 -1.53 -11.30 10.64
N ARG A 109 -0.40 -10.70 10.83
CA ARG A 109 0.27 -9.92 9.78
C ARG A 109 1.79 -10.13 9.92
N ARG A 110 2.43 -10.67 8.88
CA ARG A 110 3.92 -10.82 8.91
C ARG A 110 4.36 -11.83 10.01
N GLY A 111 3.59 -12.89 10.21
CA GLY A 111 3.97 -13.88 11.18
C GLY A 111 3.77 -13.49 12.61
N LYS A 112 3.17 -12.29 12.92
CA LYS A 112 2.88 -11.87 14.27
C LYS A 112 1.36 -11.45 14.38
N PRO A 113 0.84 -11.43 15.56
CA PRO A 113 -0.54 -11.09 15.69
C PRO A 113 -0.75 -9.63 15.25
N CYS A 114 -1.92 -9.43 14.73
CA CYS A 114 -2.31 -8.01 14.45
C CYS A 114 -2.31 -7.23 15.70
N TRP A 115 -2.01 -5.91 15.62
CA TRP A 115 -1.86 -5.11 16.73
C TRP A 115 -3.03 -5.14 17.73
N TYR A 116 -4.22 -5.08 17.20
CA TYR A 116 -5.41 -5.08 18.05
C TYR A 116 -5.53 -6.34 18.90
N ARG A 117 -4.91 -7.39 18.42
CA ARG A 117 -4.96 -8.68 19.13
C ARG A 117 -3.91 -8.79 20.21
N PHE A 118 -2.98 -7.84 20.39
CA PHE A 118 -2.04 -7.93 21.48
C PHE A 118 -2.84 -7.85 22.81
N PRO A 119 -2.44 -8.56 23.87
CA PRO A 119 -3.36 -8.66 25.05
C PRO A 119 -3.64 -7.36 25.75
N GLY A 120 -2.67 -6.45 25.75
CA GLY A 120 -2.77 -5.20 26.46
C GLY A 120 -3.15 -4.01 25.49
N VAL A 121 -3.63 -4.31 24.30
CA VAL A 121 -4.07 -3.32 23.23
C VAL A 121 -5.57 -3.32 23.23
N THR A 122 -6.17 -4.33 22.65
CA THR A 122 -7.54 -4.44 22.34
C THR A 122 -8.02 -3.47 21.25
N THR A 123 -9.20 -3.75 20.71
CA THR A 123 -9.84 -2.93 19.70
C THR A 123 -10.05 -1.52 20.25
N GLN A 124 -10.44 -1.36 21.48
CA GLN A 124 -10.72 -0.06 21.98
C GLN A 124 -9.51 0.84 21.85
N CYS A 125 -8.32 0.39 22.17
CA CYS A 125 -7.17 1.22 22.07
C CYS A 125 -6.63 1.24 20.62
N ALA A 126 -6.70 0.12 19.88
CA ALA A 126 -5.97 -0.03 18.60
C ALA A 126 -6.63 0.93 17.58
N ILE A 127 -7.94 1.08 17.58
CA ILE A 127 -8.59 2.08 16.66
C ILE A 127 -7.91 3.45 16.84
N ASN A 128 -7.77 3.87 18.06
CA ASN A 128 -7.17 5.18 18.34
C ASN A 128 -5.72 5.15 18.06
N ASP A 129 -4.98 4.10 18.38
CA ASP A 129 -3.56 4.01 18.01
C ASP A 129 -3.36 4.24 16.51
N GLY A 130 -4.22 3.63 15.72
CA GLY A 130 -4.19 3.85 14.25
C GLY A 130 -4.44 5.27 13.86
N ILE A 131 -5.32 5.93 14.54
CA ILE A 131 -5.57 7.39 14.36
C ILE A 131 -4.30 8.12 14.64
N ILE A 132 -3.68 7.84 15.77
CA ILE A 132 -2.42 8.52 16.15
C ILE A 132 -1.41 8.29 15.11
N LEU A 133 -1.19 7.10 14.56
CA LEU A 133 -0.20 6.83 13.53
C LEU A 133 -0.31 7.84 12.37
N LYS A 134 -1.57 8.04 11.92
CA LYS A 134 -1.70 9.02 10.82
C LYS A 134 -1.47 10.45 11.30
N SER A 135 -1.91 10.78 12.50
CA SER A 135 -1.64 12.09 13.02
C SER A 135 -0.13 12.40 13.11
N TRP A 136 0.68 11.40 13.42
CA TRP A 136 2.11 11.59 13.50
C TRP A 136 2.69 11.95 12.14
N THR A 137 2.10 11.46 11.00
CA THR A 137 2.56 11.89 9.68
C THR A 137 2.49 13.37 9.56
N GLN A 138 1.45 13.99 10.02
CA GLN A 138 1.28 15.43 9.95
C GLN A 138 2.27 16.18 10.87
N ILE A 139 2.44 15.66 12.09
CA ILE A 139 3.38 16.28 12.97
C ILE A 139 4.72 16.29 12.32
N MET A 140 5.18 15.21 11.72
CA MET A 140 6.45 15.13 11.05
C MET A 140 6.56 16.21 10.04
N ALA A 141 5.61 16.29 9.15
CA ALA A 141 5.68 17.22 8.07
C ALA A 141 5.79 18.70 8.62
N TRP A 142 4.89 19.06 9.52
CA TRP A 142 4.83 20.51 9.98
C TRP A 142 6.12 20.79 10.73
N HIS A 143 6.71 19.82 11.41
CA HIS A 143 8.00 20.10 12.09
C HIS A 143 9.16 20.12 11.18
N TYR A 144 9.44 19.07 10.43
CA TYR A 144 10.69 18.95 9.65
C TYR A 144 10.61 19.81 8.42
N PHE A 145 9.42 20.06 7.88
CA PHE A 145 9.29 20.82 6.62
C PHE A 145 8.79 22.26 6.73
N ALA A 146 8.82 22.76 7.94
CA ALA A 146 8.16 24.03 8.26
C ALA A 146 8.56 25.20 7.35
N ASP A 147 9.78 25.22 7.01
CA ASP A 147 10.07 26.42 6.13
C ASP A 147 10.28 26.01 4.67
N ARG A 148 9.93 24.77 4.29
CA ARG A 148 10.35 24.31 3.01
C ARG A 148 9.40 24.74 1.94
N PRO A 149 9.93 25.00 0.75
CA PRO A 149 9.05 25.48 -0.34
C PRO A 149 8.00 24.51 -0.76
N PHE A 150 8.28 23.21 -0.56
CA PHE A 150 7.44 22.14 -1.00
C PHE A 150 6.40 21.77 0.03
N LEU A 151 6.38 22.40 1.17
CA LEU A 151 5.47 21.98 2.26
C LEU A 151 4.01 21.94 1.76
N LYS A 152 3.54 23.03 1.19
CA LYS A 152 2.16 23.11 0.72
C LYS A 152 1.84 21.93 -0.24
N ASP A 153 2.64 21.77 -1.28
CA ASP A 153 2.45 20.73 -2.30
C ASP A 153 2.52 19.34 -1.67
N LEU A 154 3.39 19.13 -0.72
CA LEU A 154 3.50 17.82 -0.09
C LEU A 154 2.28 17.58 0.75
N LEU A 155 1.87 18.50 1.55
CA LEU A 155 0.67 18.25 2.38
C LEU A 155 -0.55 18.06 1.48
N CYS A 156 -0.68 18.75 0.35
CA CYS A 156 -1.85 18.62 -0.50
C CYS A 156 -1.84 17.21 -1.14
N LEU A 157 -0.71 16.81 -1.69
CA LEU A 157 -0.52 15.49 -2.28
C LEU A 157 -0.89 14.37 -1.24
N PHE A 158 -0.34 14.51 -0.04
CA PHE A 158 -0.51 13.47 0.99
C PHE A 158 -1.95 13.34 1.33
N GLN A 159 -2.67 14.46 1.43
CA GLN A 159 -4.09 14.43 1.73
C GLN A 159 -4.88 13.70 0.63
N LYS A 160 -4.55 14.04 -0.61
CA LYS A 160 -5.31 13.45 -1.77
C LYS A 160 -5.04 11.94 -1.80
N VAL A 161 -3.82 11.49 -1.51
CA VAL A 161 -3.42 10.14 -1.52
C VAL A 161 -4.17 9.39 -0.40
N ASP A 162 -4.19 10.03 0.78
CA ASP A 162 -4.92 9.45 1.92
C ASP A 162 -6.36 9.29 1.62
N TYR A 163 -7.01 10.31 1.10
CA TYR A 163 -8.38 10.21 0.76
C TYR A 163 -8.70 9.17 -0.31
N ALA A 164 -7.90 9.09 -1.35
CA ALA A 164 -8.03 8.00 -2.40
C ALA A 164 -7.95 6.67 -1.75
N THR A 165 -7.06 6.49 -0.78
CA THR A 165 -6.84 5.22 -0.15
C THR A 165 -8.08 4.80 0.67
N ALA A 166 -8.70 5.72 1.42
CA ALA A 166 -9.89 5.47 2.15
C ALA A 166 -10.99 5.11 1.21
N VAL A 167 -11.12 5.85 0.12
CA VAL A 167 -12.18 5.48 -0.91
C VAL A 167 -11.87 4.11 -1.46
N GLY A 168 -10.65 3.73 -1.70
CA GLY A 168 -10.34 2.38 -2.11
C GLY A 168 -10.65 1.34 -1.09
N GLN A 169 -10.53 1.62 0.19
CA GLN A 169 -10.91 0.66 1.19
C GLN A 169 -12.44 0.46 1.08
N MET A 170 -13.22 1.50 0.93
CA MET A 170 -14.66 1.37 0.71
C MET A 170 -14.95 0.48 -0.50
N TYR A 171 -14.27 0.71 -1.60
CA TYR A 171 -14.53 -0.13 -2.84
C TYR A 171 -14.20 -1.55 -2.54
N ASP A 172 -13.12 -1.84 -1.80
CA ASP A 172 -12.67 -3.17 -1.47
C ASP A 172 -13.69 -3.91 -0.58
N VAL A 173 -14.17 -3.30 0.46
CA VAL A 173 -14.93 -4.01 1.50
C VAL A 173 -16.34 -4.22 0.98
N THR A 174 -16.74 -3.45 -0.03
CA THR A 174 -18.08 -3.59 -0.63
C THR A 174 -18.09 -4.31 -2.01
N SER A 175 -17.01 -4.93 -2.36
CA SER A 175 -16.80 -5.48 -3.69
C SER A 175 -17.64 -6.74 -3.95
N MET A 176 -18.07 -7.35 -2.88
CA MET A 176 -18.87 -8.56 -3.00
C MET A 176 -20.33 -8.29 -2.81
N CYS A 177 -20.73 -7.06 -2.70
CA CYS A 177 -22.15 -6.67 -2.61
C CYS A 177 -22.66 -6.22 -3.96
N ASP A 178 -23.98 -6.31 -4.22
CA ASP A 178 -24.47 -5.70 -5.41
C ASP A 178 -24.61 -4.21 -5.17
N SER A 179 -24.05 -3.39 -6.05
CA SER A 179 -24.16 -1.92 -5.86
C SER A 179 -25.52 -1.40 -5.63
N ASN A 180 -26.49 -1.88 -6.39
CA ASN A 180 -27.86 -1.38 -6.31
C ASN A 180 -28.54 -1.75 -5.03
N LYS A 181 -27.97 -2.70 -4.28
CA LYS A 181 -28.49 -2.98 -2.93
C LYS A 181 -27.78 -2.33 -1.74
N LEU A 182 -26.76 -1.50 -1.95
CA LEU A 182 -26.03 -0.83 -0.82
C LEU A 182 -26.99 0.00 -0.15
N ASP A 183 -27.11 -0.08 1.19
CA ASP A 183 -28.10 0.64 1.90
C ASP A 183 -27.74 0.53 3.39
N PRO A 184 -27.39 1.65 4.06
CA PRO A 184 -27.14 1.58 5.47
C PRO A 184 -28.21 0.97 6.35
N GLU A 185 -29.46 1.02 5.91
CA GLU A 185 -30.58 0.43 6.68
C GLU A 185 -30.74 -1.04 6.57
N VAL A 186 -30.10 -1.68 5.60
CA VAL A 186 -30.43 -3.10 5.25
C VAL A 186 -29.14 -3.93 5.22
N ALA A 187 -29.08 -5.04 5.98
CA ALA A 187 -27.97 -5.90 6.05
C ALA A 187 -27.61 -6.43 4.66
N GLN A 188 -26.31 -6.38 4.35
CA GLN A 188 -25.90 -6.55 2.96
C GLN A 188 -25.65 -8.00 2.57
N PRO A 189 -26.42 -8.48 1.59
CA PRO A 189 -26.15 -9.84 1.17
C PRO A 189 -25.01 -9.90 0.18
N MET A 190 -24.33 -11.01 0.16
CA MET A 190 -23.33 -11.30 -0.87
C MET A 190 -24.01 -11.29 -2.27
N THR A 191 -23.29 -10.86 -3.28
CA THR A 191 -23.79 -11.05 -4.67
C THR A 191 -24.06 -12.51 -4.92
N THR A 192 -25.08 -12.71 -5.76
CA THR A 192 -25.24 -14.06 -6.30
C THR A 192 -24.87 -14.17 -7.74
N ASP A 193 -24.99 -13.07 -8.49
CA ASP A 193 -24.63 -13.07 -9.96
C ASP A 193 -23.18 -12.82 -10.29
N PHE A 194 -22.47 -12.18 -9.35
CA PHE A 194 -21.09 -11.83 -9.61
C PHE A 194 -20.93 -10.93 -10.80
N ALA A 195 -21.95 -10.19 -11.18
CA ALA A 195 -21.88 -9.34 -12.38
C ALA A 195 -20.88 -8.24 -12.23
N GLU A 196 -20.61 -7.87 -10.97
CA GLU A 196 -19.64 -6.77 -10.73
C GLU A 196 -18.20 -7.29 -10.58
N PHE A 197 -17.92 -8.59 -10.79
CA PHE A 197 -16.59 -9.11 -10.79
C PHE A 197 -16.02 -9.01 -12.21
N THR A 198 -15.66 -7.78 -12.63
CA THR A 198 -15.14 -7.48 -13.95
C THR A 198 -13.73 -6.91 -13.87
N PRO A 199 -12.96 -6.97 -14.94
CA PRO A 199 -11.65 -6.33 -14.96
C PRO A 199 -11.74 -4.81 -14.65
N ALA A 200 -12.70 -4.08 -15.17
CA ALA A 200 -12.73 -2.66 -14.92
C ALA A 200 -13.05 -2.34 -13.47
N ILE A 201 -13.88 -3.17 -12.87
CA ILE A 201 -14.28 -2.93 -11.44
C ILE A 201 -13.14 -3.30 -10.51
N TYR A 202 -12.49 -4.40 -10.81
CA TYR A 202 -11.29 -4.78 -10.20
C TYR A 202 -10.26 -3.71 -10.27
N LYS A 203 -10.05 -3.16 -11.45
CA LYS A 203 -9.06 -2.13 -11.60
C LYS A 203 -9.38 -0.93 -10.72
N ARG A 204 -10.62 -0.57 -10.63
CA ARG A 204 -10.97 0.59 -9.78
C ARG A 204 -10.64 0.29 -8.31
N ILE A 205 -11.00 -0.90 -7.78
CA ILE A 205 -10.72 -1.22 -6.43
C ILE A 205 -9.20 -1.04 -6.18
N VAL A 206 -8.36 -1.68 -7.03
CA VAL A 206 -6.99 -1.68 -6.78
C VAL A 206 -6.24 -0.32 -6.96
N LYS A 207 -6.69 0.45 -7.96
CA LYS A 207 -6.20 1.77 -8.19
C LYS A 207 -6.20 2.60 -6.94
N TYR A 208 -7.35 2.52 -6.29
CA TYR A 208 -7.64 3.41 -5.10
C TYR A 208 -7.13 2.78 -3.86
N LYS A 209 -7.21 1.51 -3.68
CA LYS A 209 -6.85 0.96 -2.37
C LYS A 209 -5.38 0.84 -2.09
N THR A 210 -4.53 0.73 -3.15
CA THR A 210 -3.14 0.44 -3.01
C THR A 210 -2.21 1.39 -3.83
N THR A 211 -2.62 1.70 -5.04
CA THR A 211 -1.60 2.26 -5.99
C THR A 211 -1.21 3.66 -5.57
N PHE A 212 -2.14 4.49 -5.06
CA PHE A 212 -1.85 5.84 -4.76
C PHE A 212 -0.81 5.85 -3.67
N TYR A 213 -0.93 5.13 -2.59
CA TYR A 213 0.02 5.24 -1.46
C TYR A 213 1.26 4.45 -1.61
N THR A 214 1.18 3.34 -2.42
CA THR A 214 2.29 2.48 -2.55
C THR A 214 3.32 2.91 -3.65
N TYR A 215 2.76 3.40 -4.73
CA TYR A 215 3.55 3.85 -5.81
C TYR A 215 3.51 5.30 -6.19
N LEU A 216 2.37 5.94 -6.29
CA LEU A 216 2.32 7.31 -6.66
C LEU A 216 3.03 8.18 -5.60
N LEU A 217 2.62 8.05 -4.37
CA LEU A 217 3.10 8.94 -3.31
C LEU A 217 4.59 8.83 -3.11
N PRO A 218 5.24 7.67 -3.07
CA PRO A 218 6.67 7.62 -2.90
C PRO A 218 7.40 8.27 -4.08
N LEU A 219 6.93 8.08 -5.28
CA LEU A 219 7.60 8.66 -6.48
C LEU A 219 7.44 10.17 -6.44
N VAL A 220 6.26 10.69 -6.26
CA VAL A 220 5.99 12.13 -6.22
C VAL A 220 6.65 12.82 -5.04
N MET A 221 6.66 12.13 -3.86
CA MET A 221 7.36 12.68 -2.69
C MET A 221 8.84 12.85 -2.98
N GLY A 222 9.42 11.91 -3.67
CA GLY A 222 10.84 12.00 -4.03
C GLY A 222 11.06 13.22 -4.93
N LEU A 223 10.17 13.39 -5.86
CA LEU A 223 10.27 14.58 -6.76
C LEU A 223 10.12 15.87 -5.95
N LEU A 224 9.17 15.95 -4.98
CA LEU A 224 8.93 17.17 -4.25
C LEU A 224 10.11 17.51 -3.34
N VAL A 225 10.68 16.58 -2.57
CA VAL A 225 11.82 16.92 -1.68
C VAL A 225 13.06 17.29 -2.49
N SER A 226 13.10 16.90 -3.74
CA SER A 226 14.16 17.22 -4.66
C SER A 226 13.89 18.54 -5.45
N GLU A 227 12.74 19.15 -5.29
CA GLU A 227 12.36 20.28 -6.14
C GLU A 227 12.48 19.97 -7.57
N ALA A 228 12.04 18.78 -7.96
CA ALA A 228 12.25 18.26 -9.33
C ALA A 228 10.93 17.98 -10.08
N ALA A 229 9.81 18.40 -9.59
CA ALA A 229 8.58 18.05 -10.30
C ALA A 229 8.61 18.50 -11.75
N ALA A 230 9.38 19.53 -12.09
CA ALA A 230 9.53 19.88 -13.53
C ALA A 230 10.34 18.91 -14.43
N SER A 231 11.08 17.97 -13.89
CA SER A 231 11.73 16.94 -14.67
C SER A 231 10.80 15.81 -15.11
N VAL A 232 9.51 15.94 -14.85
CA VAL A 232 8.54 14.92 -15.26
C VAL A 232 7.33 15.48 -15.78
N GLU A 233 6.68 14.68 -16.59
CA GLU A 233 5.30 14.86 -17.00
C GLU A 233 4.39 14.08 -15.99
N MET A 234 3.67 14.79 -15.19
CA MET A 234 2.95 14.15 -14.09
C MET A 234 1.92 13.16 -14.55
N ASN A 235 1.31 13.40 -15.72
CA ASN A 235 0.35 12.41 -16.23
C ASN A 235 1.06 11.05 -16.48
N LEU A 236 2.34 11.03 -16.90
CA LEU A 236 3.05 9.77 -17.08
C LEU A 236 3.36 9.14 -15.75
N VAL A 237 3.73 9.95 -14.75
CA VAL A 237 4.06 9.36 -13.43
C VAL A 237 2.79 8.72 -12.85
N GLU A 238 1.65 9.31 -13.05
CA GLU A 238 0.37 8.71 -12.58
C GLU A 238 0.08 7.47 -13.30
N ARG A 239 0.21 7.53 -14.63
CA ARG A 239 0.05 6.29 -15.45
C ARG A 239 0.93 5.12 -15.09
N VAL A 240 2.20 5.31 -14.80
CA VAL A 240 3.06 4.22 -14.56
C VAL A 240 2.86 3.74 -13.11
N ALA A 241 2.53 4.68 -12.21
CA ALA A 241 2.31 4.28 -10.81
C ALA A 241 1.07 3.39 -10.78
N HIS A 242 0.04 3.73 -11.51
CA HIS A 242 -1.24 2.97 -11.41
C HIS A 242 -1.03 1.64 -12.04
N LEU A 243 -0.17 1.58 -13.05
CA LEU A 243 0.10 0.32 -13.69
C LEU A 243 0.91 -0.67 -12.86
N ILE A 244 2.07 -0.22 -12.35
CA ILE A 244 2.82 -1.02 -11.56
C ILE A 244 2.09 -1.45 -10.25
N GLY A 245 1.34 -0.51 -9.70
CA GLY A 245 0.56 -0.80 -8.54
C GLY A 245 -0.50 -1.88 -8.75
N GLU A 246 -1.20 -1.82 -9.89
CA GLU A 246 -2.09 -2.94 -10.21
C GLU A 246 -1.42 -4.28 -10.26
N TYR A 247 -0.31 -4.36 -10.97
CA TYR A 247 0.49 -5.59 -10.99
C TYR A 247 0.90 -6.15 -9.58
N PHE A 248 1.37 -5.26 -8.73
CA PHE A 248 1.69 -5.57 -7.36
C PHE A 248 0.46 -6.26 -6.65
N GLN A 249 -0.72 -5.67 -6.78
CA GLN A 249 -1.92 -6.19 -6.12
C GLN A 249 -2.34 -7.55 -6.74
N VAL A 250 -2.22 -7.71 -8.07
CA VAL A 250 -2.49 -9.00 -8.72
C VAL A 250 -1.57 -10.03 -8.08
N GLN A 251 -0.26 -9.77 -7.95
CA GLN A 251 0.64 -10.70 -7.29
C GLN A 251 0.15 -11.04 -5.87
N ASP A 252 -0.23 -10.01 -5.12
CA ASP A 252 -0.73 -10.17 -3.74
C ASP A 252 -1.99 -11.06 -3.77
N ASP A 253 -2.91 -10.81 -4.68
CA ASP A 253 -4.11 -11.68 -4.78
C ASP A 253 -3.75 -13.15 -5.05
N VAL A 254 -2.82 -13.39 -5.96
CA VAL A 254 -2.44 -14.77 -6.25
C VAL A 254 -1.78 -15.44 -5.09
N MET A 255 -0.93 -14.70 -4.37
CA MET A 255 -0.30 -15.27 -3.14
C MET A 255 -1.30 -15.60 -2.01
N ASP A 256 -2.35 -14.81 -1.86
CA ASP A 256 -3.32 -15.04 -0.82
C ASP A 256 -3.92 -16.40 -0.91
N CYS A 257 -4.10 -16.78 -2.14
CA CYS A 257 -4.65 -18.08 -2.46
C CYS A 257 -3.64 -19.22 -2.43
N PHE A 258 -2.46 -19.00 -3.00
CA PHE A 258 -1.55 -20.14 -3.29
C PHE A 258 -0.21 -20.16 -2.55
N THR A 259 0.16 -19.10 -1.85
CA THR A 259 1.42 -19.08 -1.04
C THR A 259 1.18 -19.73 0.34
N PRO A 260 2.05 -20.74 0.72
CA PRO A 260 1.87 -21.41 2.03
C PRO A 260 1.82 -20.38 3.15
N PRO A 261 0.87 -20.53 4.09
CA PRO A 261 0.75 -19.59 5.21
C PRO A 261 2.06 -19.15 5.92
N GLU A 262 2.96 -20.09 6.23
CA GLU A 262 4.19 -19.76 6.97
C GLU A 262 5.11 -18.82 6.15
N GLN A 263 4.99 -18.91 4.83
CA GLN A 263 5.71 -18.00 3.92
C GLN A 263 4.95 -16.71 3.64
N LEU A 264 3.63 -16.81 3.49
CA LEU A 264 2.74 -15.61 3.34
C LEU A 264 2.73 -14.70 4.57
N GLY A 265 2.97 -15.30 5.76
CA GLY A 265 2.97 -14.59 7.03
C GLY A 265 1.57 -14.54 7.70
N LYS A 266 0.60 -15.26 7.12
CA LYS A 266 -0.78 -15.31 7.58
C LYS A 266 -1.52 -16.40 6.79
N VAL A 267 -2.74 -16.69 7.23
CA VAL A 267 -3.64 -17.61 6.54
C VAL A 267 -4.45 -16.66 5.63
N GLY A 268 -4.39 -16.89 4.31
CA GLY A 268 -5.14 -16.08 3.32
C GLY A 268 -6.60 -16.49 3.40
N THR A 269 -7.53 -15.54 3.49
CA THR A 269 -8.96 -15.85 3.47
C THR A 269 -9.77 -15.11 2.36
N ASP A 270 -9.11 -14.64 1.25
CA ASP A 270 -9.90 -13.92 0.21
C ASP A 270 -11.13 -14.67 -0.31
N ILE A 271 -11.00 -15.98 -0.43
CA ILE A 271 -12.11 -16.79 -0.91
C ILE A 271 -13.25 -16.76 0.06
N GLU A 272 -12.97 -17.05 1.33
CA GLU A 272 -14.01 -16.98 2.35
C GLU A 272 -14.62 -15.65 2.51
N ASP A 273 -13.78 -14.61 2.36
CA ASP A 273 -14.24 -13.21 2.45
C ASP A 273 -14.91 -12.72 1.18
N ALA A 274 -15.00 -13.58 0.14
CA ALA A 274 -15.71 -13.26 -1.14
C ALA A 274 -15.09 -12.04 -1.87
N LYS A 275 -13.78 -11.87 -1.70
CA LYS A 275 -13.14 -10.70 -2.30
C LYS A 275 -13.17 -10.72 -3.85
N CYS A 276 -13.24 -9.51 -4.42
CA CYS A 276 -13.12 -9.37 -5.83
C CYS A 276 -11.62 -9.48 -6.14
N SER A 277 -11.07 -10.68 -6.18
CA SER A 277 -9.67 -10.83 -6.47
C SER A 277 -9.37 -11.05 -7.97
N TRP A 278 -8.10 -10.98 -8.32
CA TRP A 278 -7.74 -11.16 -9.71
C TRP A 278 -8.14 -12.57 -10.20
N LEU A 279 -7.94 -13.50 -9.30
CA LEU A 279 -8.21 -14.91 -9.60
C LEU A 279 -9.67 -15.10 -9.84
N ALA A 280 -10.54 -14.58 -8.97
CA ALA A 280 -11.97 -14.69 -9.16
C ALA A 280 -12.42 -14.05 -10.48
N VAL A 281 -11.96 -12.82 -10.74
CA VAL A 281 -12.35 -12.13 -11.91
C VAL A 281 -11.89 -12.89 -13.23
N THR A 282 -10.64 -13.29 -13.23
CA THR A 282 -9.99 -13.93 -14.37
C THR A 282 -10.64 -15.28 -14.59
N PHE A 283 -10.95 -15.95 -13.49
CA PHE A 283 -11.73 -17.22 -13.58
C PHE A 283 -13.06 -17.05 -14.20
N LEU A 284 -13.82 -16.04 -13.79
CA LEU A 284 -15.16 -15.81 -14.35
C LEU A 284 -15.15 -15.36 -15.80
N GLY A 285 -14.05 -14.74 -16.20
CA GLY A 285 -13.83 -14.26 -17.50
C GLY A 285 -13.53 -15.36 -18.51
N LYS A 286 -13.28 -16.58 -18.05
CA LYS A 286 -13.04 -17.72 -18.99
C LYS A 286 -13.89 -18.98 -18.70
N ALA A 287 -14.65 -18.97 -17.62
CA ALA A 287 -15.35 -20.18 -17.15
C ALA A 287 -16.48 -20.49 -18.12
N ASN A 288 -16.82 -21.82 -18.20
CA ASN A 288 -18.05 -22.23 -18.88
C ASN A 288 -19.21 -22.19 -17.86
N ALA A 289 -20.45 -22.51 -18.27
CA ALA A 289 -21.56 -22.35 -17.41
C ALA A 289 -21.50 -23.24 -16.15
N ALA A 290 -21.15 -24.50 -16.32
CA ALA A 290 -21.03 -25.34 -15.11
C ALA A 290 -19.92 -24.92 -14.13
N GLN A 291 -18.82 -24.42 -14.63
CA GLN A 291 -17.73 -23.85 -13.78
C GLN A 291 -18.22 -22.57 -13.00
N VAL A 292 -19.01 -21.71 -13.69
CA VAL A 292 -19.53 -20.50 -13.07
C VAL A 292 -20.49 -20.95 -12.00
N ALA A 293 -21.33 -21.95 -12.28
CA ALA A 293 -22.26 -22.38 -11.25
C ALA A 293 -21.60 -23.04 -10.04
N GLU A 294 -20.50 -23.75 -10.27
CA GLU A 294 -19.82 -24.37 -9.15
C GLU A 294 -19.12 -23.31 -8.33
N PHE A 295 -18.63 -22.31 -9.03
CA PHE A 295 -17.97 -21.22 -8.27
C PHE A 295 -19.00 -20.52 -7.37
N LYS A 296 -20.12 -20.22 -7.94
CA LYS A 296 -21.21 -19.55 -7.17
C LYS A 296 -21.65 -20.36 -5.96
N ALA A 297 -21.70 -21.69 -6.12
CA ALA A 297 -22.17 -22.51 -4.98
C ALA A 297 -21.17 -22.61 -3.86
N ASN A 298 -19.93 -22.18 -4.08
CA ASN A 298 -18.83 -22.46 -3.15
C ASN A 298 -18.09 -21.18 -2.62
N TYR A 299 -18.21 -20.08 -3.39
CA TYR A 299 -17.39 -18.90 -3.04
C TYR A 299 -18.02 -18.18 -1.82
N GLY A 300 -17.12 -17.52 -1.06
CA GLY A 300 -17.50 -16.63 0.02
C GLY A 300 -18.06 -17.37 1.23
N GLU A 301 -17.57 -18.62 1.46
CA GLU A 301 -18.01 -19.48 2.54
C GLU A 301 -16.81 -19.94 3.32
N LYS A 302 -17.01 -20.03 4.61
CA LYS A 302 -16.00 -20.41 5.54
C LYS A 302 -15.72 -21.91 5.47
N ASP A 303 -16.70 -22.72 5.11
CA ASP A 303 -16.50 -24.18 5.02
C ASP A 303 -15.22 -24.52 4.21
N PRO A 304 -14.19 -25.13 4.84
CA PRO A 304 -12.97 -25.47 4.08
C PRO A 304 -13.20 -26.35 2.91
N ALA A 305 -14.22 -27.20 2.92
CA ALA A 305 -14.45 -28.03 1.68
C ALA A 305 -14.83 -27.18 0.46
N LYS A 306 -15.57 -26.08 0.73
CA LYS A 306 -16.03 -25.19 -0.37
C LYS A 306 -14.85 -24.37 -0.82
N VAL A 307 -14.07 -23.93 0.16
CA VAL A 307 -12.85 -23.17 -0.17
C VAL A 307 -11.97 -24.07 -1.05
N ALA A 308 -11.83 -25.37 -0.71
CA ALA A 308 -11.02 -26.25 -1.59
C ALA A 308 -11.62 -26.40 -2.97
N VAL A 309 -12.96 -26.46 -3.12
CA VAL A 309 -13.63 -26.53 -4.41
C VAL A 309 -13.21 -25.28 -5.26
N VAL A 310 -13.27 -24.08 -4.65
CA VAL A 310 -12.81 -22.85 -5.34
C VAL A 310 -11.37 -22.93 -5.83
N LYS A 311 -10.46 -23.36 -4.97
CA LYS A 311 -9.02 -23.50 -5.33
C LYS A 311 -8.79 -24.52 -6.42
N ARG A 312 -9.52 -25.60 -6.32
CA ARG A 312 -9.58 -26.57 -7.44
C ARG A 312 -10.08 -25.97 -8.75
N LEU A 313 -11.18 -25.21 -8.75
CA LEU A 313 -11.65 -24.61 -9.98
C LEU A 313 -10.55 -23.70 -10.57
N TYR A 314 -9.89 -22.94 -9.70
CA TYR A 314 -8.88 -21.97 -10.18
C TYR A 314 -7.71 -22.79 -10.75
N SER A 315 -7.37 -23.83 -10.01
CA SER A 315 -6.27 -24.68 -10.36
C SER A 315 -6.42 -25.39 -11.70
N LYS A 316 -7.63 -25.74 -12.09
CA LYS A 316 -7.84 -26.42 -13.35
C LYS A 316 -8.12 -25.47 -14.52
N ALA A 317 -8.20 -24.16 -14.29
CA ALA A 317 -8.66 -23.21 -15.30
C ALA A 317 -7.52 -22.51 -16.05
N ASN A 318 -6.30 -22.96 -15.76
CA ASN A 318 -5.11 -22.52 -16.45
C ASN A 318 -4.93 -21.01 -16.31
N LEU A 319 -5.10 -20.60 -15.07
CA LEU A 319 -4.94 -19.17 -14.74
C LEU A 319 -3.50 -18.75 -14.77
N GLN A 320 -2.54 -19.66 -14.66
CA GLN A 320 -1.10 -19.31 -14.91
C GLN A 320 -0.90 -18.72 -16.27
N ALA A 321 -1.62 -19.22 -17.25
CA ALA A 321 -1.52 -18.70 -18.61
C ALA A 321 -2.00 -17.27 -18.63
N ASP A 322 -3.13 -17.03 -17.98
CA ASP A 322 -3.70 -15.68 -17.99
C ASP A 322 -2.71 -14.79 -17.22
N PHE A 323 -2.06 -15.30 -16.16
CA PHE A 323 -1.19 -14.46 -15.37
C PHE A 323 0.07 -14.09 -16.19
N ALA A 324 0.66 -15.07 -16.86
CA ALA A 324 1.82 -14.74 -17.76
C ALA A 324 1.42 -13.76 -18.85
N ALA A 325 0.25 -13.90 -19.42
CA ALA A 325 -0.25 -12.93 -20.49
C ALA A 325 -0.41 -11.54 -19.91
N TYR A 326 -0.94 -11.50 -18.69
CA TYR A 326 -1.05 -10.19 -18.00
C TYR A 326 0.29 -9.54 -17.75
N GLU A 327 1.19 -10.35 -17.23
CA GLU A 327 2.54 -9.98 -16.91
C GLU A 327 3.26 -9.48 -18.11
N ALA A 328 3.19 -10.29 -19.17
CA ALA A 328 3.75 -9.76 -20.45
C ALA A 328 3.25 -8.43 -20.92
N GLU A 329 1.95 -8.21 -20.88
CA GLU A 329 1.39 -6.91 -21.23
C GLU A 329 1.84 -5.76 -20.28
N VAL A 330 1.78 -6.00 -18.96
CA VAL A 330 2.34 -4.99 -18.05
C VAL A 330 3.82 -4.70 -18.35
N VAL A 331 4.61 -5.73 -18.58
CA VAL A 331 6.05 -5.49 -18.89
C VAL A 331 6.18 -4.57 -20.07
N ARG A 332 5.37 -4.83 -21.06
CA ARG A 332 5.36 -4.10 -22.27
C ARG A 332 4.97 -2.64 -22.03
N GLU A 333 3.91 -2.42 -21.24
CA GLU A 333 3.44 -1.09 -21.09
C GLU A 333 4.33 -0.22 -20.15
N VAL A 334 4.84 -0.86 -19.12
CA VAL A 334 5.71 -0.14 -18.16
C VAL A 334 7.02 0.26 -18.90
N GLU A 335 7.59 -0.64 -19.68
CA GLU A 335 8.76 -0.32 -20.53
C GLU A 335 8.43 0.85 -21.47
N SER A 336 7.22 0.99 -22.00
CA SER A 336 6.84 2.15 -22.87
C SER A 336 6.74 3.48 -22.11
N LEU A 337 6.13 3.37 -20.91
CA LEU A 337 6.09 4.53 -20.01
C LEU A 337 7.46 4.96 -19.54
N ILE A 338 8.35 4.04 -19.25
CA ILE A 338 9.69 4.37 -18.82
C ILE A 338 10.33 5.14 -19.98
N GLU A 339 10.04 4.70 -21.19
CA GLU A 339 10.58 5.49 -22.26
C GLU A 339 10.04 6.83 -22.43
N GLN A 340 8.72 7.00 -22.31
CA GLN A 340 8.15 8.27 -22.37
C GLN A 340 8.89 9.12 -21.19
N LEU A 341 9.17 8.49 -20.02
CA LEU A 341 9.81 9.29 -18.84
C LEU A 341 11.25 9.75 -19.11
N LYS A 342 12.02 9.02 -19.90
CA LYS A 342 13.32 9.62 -20.45
C LYS A 342 13.29 10.91 -21.28
N VAL A 343 12.21 11.22 -21.96
CA VAL A 343 12.14 12.49 -22.70
C VAL A 343 12.56 13.63 -21.73
N LYS A 344 12.22 13.52 -20.46
CA LYS A 344 12.52 14.58 -19.45
C LYS A 344 13.51 14.29 -18.42
N SER A 345 13.71 13.04 -18.04
CA SER A 345 14.64 12.69 -17.00
C SER A 345 15.02 11.24 -17.02
N PRO A 346 16.19 10.96 -17.59
CA PRO A 346 16.85 9.66 -17.36
C PRO A 346 16.93 9.14 -15.94
N THR A 347 17.34 10.03 -15.07
CA THR A 347 17.39 9.76 -13.68
C THR A 347 16.05 9.21 -13.15
N PHE A 348 15.01 9.97 -13.36
CA PHE A 348 13.69 9.57 -12.77
C PHE A 348 13.24 8.29 -13.44
N ALA A 349 13.37 8.25 -14.77
CA ALA A 349 13.06 6.98 -15.49
C ALA A 349 13.83 5.82 -14.93
N GLU A 350 15.11 5.94 -14.51
CA GLU A 350 15.82 4.84 -13.88
C GLU A 350 15.25 4.45 -12.51
N SER A 351 14.83 5.48 -11.74
CA SER A 351 14.24 5.12 -10.44
C SER A 351 12.97 4.30 -10.60
N VAL A 352 12.18 4.69 -11.60
CA VAL A 352 10.96 3.97 -12.00
C VAL A 352 11.25 2.55 -12.47
N ALA A 353 12.30 2.47 -13.27
CA ALA A 353 12.90 1.13 -13.55
C ALA A 353 13.28 0.31 -12.36
N VAL A 354 13.90 0.89 -11.31
CA VAL A 354 14.23 0.12 -10.18
C VAL A 354 12.98 -0.35 -9.42
N VAL A 355 12.04 0.59 -9.20
CA VAL A 355 10.75 0.30 -8.61
C VAL A 355 10.09 -0.85 -9.32
N TRP A 356 10.09 -0.80 -10.67
CA TRP A 356 9.52 -1.94 -11.44
C TRP A 356 10.25 -3.29 -11.21
N GLU A 357 11.59 -3.27 -11.14
CA GLU A 357 12.42 -4.47 -10.99
C GLU A 357 12.12 -5.09 -9.66
N LYS A 358 12.07 -4.28 -8.61
CA LYS A 358 11.76 -4.74 -7.27
C LYS A 358 10.37 -5.33 -7.14
N THR A 359 9.42 -4.84 -7.91
CA THR A 359 8.08 -5.36 -7.96
C THR A 359 7.97 -6.67 -8.72
N HIS A 360 8.41 -6.61 -9.98
CA HIS A 360 8.34 -7.71 -10.98
C HIS A 360 9.00 -9.01 -10.52
N LYS A 361 10.14 -8.87 -9.85
CA LYS A 361 10.94 -10.03 -9.45
C LYS A 361 10.78 -10.48 -7.99
N ARG A 362 9.88 -9.88 -7.20
CA ARG A 362 9.52 -10.47 -5.89
C ARG A 362 8.60 -11.70 -6.09
S SO4 B . 6.64 -3.50 2.82
O1 SO4 B . 7.58 -4.64 3.28
O2 SO4 B . 5.78 -2.85 3.97
O3 SO4 B . 5.67 -3.84 1.77
O4 SO4 B . 7.91 -2.67 2.29
S SO4 C . 7.69 22.52 15.97
O1 SO4 C . 7.36 23.94 16.21
O2 SO4 C . 8.60 22.03 17.04
O3 SO4 C . 6.44 21.74 15.99
O4 SO4 C . 8.34 22.34 14.66
C ACT D . 1.78 4.37 -23.48
O ACT D . 2.84 4.35 -22.82
OXT ACT D . 1.28 5.45 -23.94
CH3 ACT D . 1.05 3.09 -23.72
ZN ZN E . -9.14 -5.04 4.13
ZN ZN F . -4.40 -9.58 -0.15
N1 LV7 G . -2.64 -19.23 -10.97
C4 LV7 G . -2.46 -23.57 -8.61
C5 LV7 G . -3.34 -22.98 -9.50
C6 LV7 G . -3.11 -21.78 -10.05
C7 LV7 G . -1.95 -21.12 -9.66
C8 LV7 G . -1.68 -19.82 -10.18
N LV7 G . 0.07 -20.82 -8.30
C LV7 G . 1.41 -22.44 -6.78
O LV7 G . 1.94 -20.16 -7.15
C1 LV7 G . 1.16 -21.10 -7.42
C2 LV7 G . -1.03 -21.67 -8.74
C3 LV7 G . -1.31 -22.93 -8.23
N2 LV7 G . -2.20 -18.05 -11.53
O1 LV7 G . -0.60 -19.17 -9.93
#